data_7WVL
#
_entry.id   7WVL
#
_cell.length_a   85.309
_cell.length_b   85.309
_cell.length_c   205.193
_cell.angle_alpha   90.000
_cell.angle_beta   90.000
_cell.angle_gamma   120.000
#
_symmetry.space_group_name_H-M   'P 31 2 1'
#
loop_
_entity.id
_entity.type
_entity.pdbx_description
1 polymer 'P4A2 Fab Light Chain'
2 polymer 'P4A2 Fab heavy chain'
3 polymer 'Spike protein S1'
4 water water
#
loop_
_entity_poly.entity_id
_entity_poly.type
_entity_poly.pdbx_seq_one_letter_code
_entity_poly.pdbx_strand_id
1 'polypeptide(L)'
;DIVLTQSPASLAVSLGQRATISCRASESVEYHGTILMQWFQQKPGQPPRLLIYAASNVDSGVPARFSGSGSGTDLSLNIH
PVEEDDIAMYFCQQSRKVPYTFGGGTKLEIKRADAAPTVSIFPPSSEQLTSGGASVVCFLNNFYPKDINVKWKINGSQRQ
NGVLNSWTDQDSKDSTYSMSSTLTLTKDEYERHNSYTCQATHKTSTSPIVKSFNRNAC
;
L
2 'polypeptide(L)'
;QVQLQQSGAELVKPGASVKLSCKASGFTFTRYSIYWMKQRPGQGLEWIGEINPSTGDTNFNEKFKSKATLTVDKSSTTAY
MQLSSLTSEDSAVYYCTRSTGYWGQGTLVTVSAAKTTPPSVYPLAPGCGDTTGSSVTLGCLVKGYFPESVTVTWNSGSLS
SSVHTFPALLQSGLYTMSSSVTVPSSTWPSQTVTCSVAHPASSTTVDKKLEP
;
H
3 'polypeptide(L)'
;ITNLCPFGEVFNATRFASVYAWNRKRISNCVADYSVLYNSASFSTFKCYGVSPTKLNDLCFTNVYADSFVIRGDEVRQIA
PGQTGKIADYNYKLPDDFTGCVIAWNSNNLDSKVGGNYNYLYRLFRKSNLKPFERDISTEIYQAGSTPCNGVEGFNCYFP
LQSYGFQPTNGVGYQPYRVVVLSFELLHAPATVCGPKKSTNGSLEVLFQGPGSHHHHHHHHHH
;
F
#
# COMPACT_ATOMS: atom_id res chain seq x y z
N ASP A 1 -13.27 -8.60 21.71
CA ASP A 1 -11.89 -8.51 21.26
C ASP A 1 -11.39 -9.84 20.69
N ILE A 2 -11.50 -9.98 19.38
CA ILE A 2 -10.93 -11.13 18.69
C ILE A 2 -9.43 -10.93 18.56
N VAL A 3 -8.65 -11.95 18.90
CA VAL A 3 -7.21 -11.89 18.71
C VAL A 3 -6.89 -12.37 17.31
N LEU A 4 -6.11 -11.57 16.58
CA LEU A 4 -5.66 -11.90 15.24
C LEU A 4 -4.20 -12.29 15.30
N THR A 5 -3.90 -13.53 14.91
CA THR A 5 -2.55 -14.07 14.95
C THR A 5 -2.11 -14.37 13.52
N GLN A 6 -1.07 -13.67 13.06
CA GLN A 6 -0.58 -13.84 11.70
C GLN A 6 0.56 -14.85 11.67
N SER A 7 0.65 -15.58 10.56
CA SER A 7 1.71 -16.55 10.36
C SER A 7 1.99 -16.68 8.87
N PRO A 8 3.26 -16.61 8.45
CA PRO A 8 4.42 -16.41 9.33
C PRO A 8 4.64 -14.94 9.68
N ALA A 9 5.52 -14.68 10.64
CA ALA A 9 5.87 -13.31 10.97
C ALA A 9 6.88 -12.72 9.99
N SER A 10 7.54 -13.55 9.20
CA SER A 10 8.54 -13.08 8.24
C SER A 10 8.63 -14.11 7.13
N LEU A 11 8.34 -13.68 5.90
CA LEU A 11 8.33 -14.56 4.74
C LEU A 11 9.27 -14.01 3.68
N ALA A 12 10.16 -14.87 3.18
CA ALA A 12 11.07 -14.54 2.09
C ALA A 12 10.71 -15.37 0.88
N VAL A 13 10.57 -14.71 -0.27
CA VAL A 13 10.15 -15.36 -1.51
C VAL A 13 10.94 -14.74 -2.66
N SER A 14 10.90 -15.41 -3.81
CA SER A 14 11.68 -15.02 -4.98
C SER A 14 10.80 -14.28 -5.98
N LEU A 15 11.45 -13.54 -6.87
CA LEU A 15 10.75 -12.74 -7.87
C LEU A 15 9.94 -13.63 -8.80
N GLY A 16 8.65 -13.36 -8.90
CA GLY A 16 7.75 -14.14 -9.72
C GLY A 16 7.10 -15.31 -9.01
N GLN A 17 7.59 -15.69 -7.84
CA GLN A 17 7.01 -16.80 -7.10
C GLN A 17 5.69 -16.38 -6.46
N ARG A 18 5.08 -17.33 -5.75
CA ARG A 18 3.85 -17.08 -5.00
C ARG A 18 4.16 -16.97 -3.52
N ALA A 19 3.55 -15.97 -2.87
CA ALA A 19 3.70 -15.77 -1.44
C ALA A 19 2.34 -15.86 -0.78
N THR A 20 2.27 -16.56 0.35
CA THR A 20 1.02 -16.75 1.06
C THR A 20 1.24 -16.45 2.54
N ILE A 21 0.37 -15.62 3.11
CA ILE A 21 0.37 -15.38 4.54
C ILE A 21 -1.03 -15.67 5.08
N SER A 22 -1.12 -16.10 6.33
CA SER A 22 -2.38 -16.52 6.92
C SER A 22 -2.62 -15.75 8.22
N CYS A 23 -3.91 -15.67 8.57
CA CYS A 23 -4.38 -14.91 9.71
C CYS A 23 -5.44 -15.75 10.42
N ARG A 24 -5.18 -16.10 11.68
CA ARG A 24 -6.14 -16.82 12.51
C ARG A 24 -6.86 -15.82 13.41
N ALA A 25 -8.15 -16.08 13.64
CA ALA A 25 -8.95 -15.26 14.53
C ALA A 25 -9.51 -16.13 15.63
N SER A 26 -9.55 -15.60 16.85
CA SER A 26 -10.09 -16.35 17.99
C SER A 26 -11.54 -16.73 17.74
N GLU A 27 -12.29 -15.86 17.09
CA GLU A 27 -13.69 -16.09 16.78
C GLU A 27 -13.89 -16.02 15.28
N SER A 28 -15.08 -16.42 14.82
CA SER A 28 -15.42 -16.30 13.42
C SER A 28 -15.76 -14.86 13.09
N VAL A 29 -15.07 -14.31 12.10
CA VAL A 29 -15.34 -12.96 11.62
C VAL A 29 -16.36 -12.96 10.50
N GLU A 30 -17.16 -14.02 10.38
CA GLU A 30 -18.19 -14.09 9.37
C GLU A 30 -19.49 -13.49 9.91
N TYR A 31 -20.34 -12.99 8.99
CA TYR A 31 -21.64 -12.44 9.32
C TYR A 31 -22.49 -12.55 8.06
N HIS A 32 -23.67 -13.16 8.18
CA HIS A 32 -24.75 -13.17 7.20
C HIS A 32 -24.22 -13.10 5.76
N GLY A 33 -23.29 -14.00 5.45
CA GLY A 33 -22.83 -14.29 4.11
C GLY A 33 -21.51 -13.65 3.71
N THR A 34 -20.95 -12.76 4.53
CA THR A 34 -19.71 -12.08 4.21
C THR A 34 -18.70 -12.26 5.34
N ILE A 35 -17.43 -12.39 4.98
CA ILE A 35 -16.35 -12.53 5.95
C ILE A 35 -15.69 -11.16 6.12
N LEU A 36 -15.80 -10.61 7.32
CA LEU A 36 -15.48 -9.21 7.54
C LEU A 36 -14.00 -9.05 7.89
N MET A 37 -13.17 -9.38 6.90
CA MET A 37 -11.73 -9.30 7.03
C MET A 37 -11.17 -8.34 5.99
N GLN A 38 -10.06 -7.70 6.36
CA GLN A 38 -9.38 -6.77 5.48
C GLN A 38 -7.88 -7.02 5.57
N TRP A 39 -7.21 -6.84 4.44
CA TRP A 39 -5.76 -6.94 4.34
C TRP A 39 -5.21 -5.59 3.95
N PHE A 40 -4.25 -5.10 4.73
CA PHE A 40 -3.56 -3.83 4.50
C PHE A 40 -2.09 -4.08 4.22
N GLN A 41 -1.50 -3.23 3.39
CA GLN A 41 -0.10 -3.29 3.03
C GLN A 41 0.58 -1.97 3.36
N GLN A 42 1.67 -2.02 4.11
CA GLN A 42 2.45 -0.83 4.48
C GLN A 42 3.89 -1.02 3.98
N LYS A 43 4.21 -0.35 2.87
CA LYS A 43 5.57 -0.38 2.35
C LYS A 43 6.50 0.35 3.32
N PRO A 44 7.82 0.12 3.22
CA PRO A 44 8.76 0.80 4.11
C PRO A 44 8.67 2.33 3.98
N GLY A 45 8.21 2.98 5.04
CA GLY A 45 8.15 4.43 5.07
C GLY A 45 6.90 5.04 4.48
N GLN A 46 5.87 4.25 4.21
CA GLN A 46 4.63 4.72 3.64
C GLN A 46 3.46 4.45 4.59
N PRO A 47 2.34 5.15 4.42
CA PRO A 47 1.14 4.77 5.15
C PRO A 47 0.56 3.49 4.59
N PRO A 48 -0.14 2.71 5.41
CA PRO A 48 -0.78 1.49 4.89
C PRO A 48 -1.83 1.82 3.84
N ARG A 49 -1.98 0.91 2.88
CA ARG A 49 -3.03 0.96 1.89
C ARG A 49 -3.89 -0.30 2.01
N LEU A 50 -5.20 -0.14 1.86
CA LEU A 50 -6.08 -1.30 1.87
C LEU A 50 -5.85 -2.16 0.63
N LEU A 51 -5.49 -3.42 0.84
CA LEU A 51 -5.39 -4.38 -0.26
C LEU A 51 -6.73 -5.08 -0.50
N ILE A 52 -7.25 -5.72 0.53
CA ILE A 52 -8.43 -6.57 0.40
C ILE A 52 -9.48 -6.16 1.41
N TYR A 53 -10.74 -6.11 0.99
CA TYR A 53 -11.86 -5.86 1.88
C TYR A 53 -12.87 -7.01 1.74
N ALA A 54 -13.60 -7.26 2.82
CA ALA A 54 -14.57 -8.35 2.88
C ALA A 54 -13.91 -9.68 2.50
N ALA A 55 -12.67 -9.85 2.96
CA ALA A 55 -11.92 -11.10 2.86
C ALA A 55 -11.47 -11.46 1.45
N SER A 56 -12.34 -11.28 0.46
CA SER A 56 -12.03 -11.77 -0.89
C SER A 56 -12.16 -10.72 -1.98
N ASN A 57 -12.57 -9.50 -1.66
CA ASN A 57 -12.78 -8.47 -2.66
C ASN A 57 -11.61 -7.51 -2.68
N VAL A 58 -11.19 -7.12 -3.88
CA VAL A 58 -10.00 -6.30 -4.09
C VAL A 58 -10.42 -4.85 -4.27
N ASP A 59 -9.65 -3.94 -3.68
CA ASP A 59 -9.92 -2.52 -3.74
C ASP A 59 -9.37 -1.93 -5.03
N SER A 60 -9.94 -0.79 -5.43
CA SER A 60 -9.50 -0.08 -6.63
C SER A 60 -8.03 0.29 -6.54
N GLY A 61 -7.31 0.09 -7.64
CA GLY A 61 -5.90 0.42 -7.70
C GLY A 61 -4.97 -0.69 -7.25
N VAL A 62 -5.50 -1.82 -6.81
CA VAL A 62 -4.70 -2.96 -6.37
C VAL A 62 -4.59 -3.94 -7.51
N PRO A 63 -3.38 -4.35 -7.92
CA PRO A 63 -3.25 -5.29 -9.03
C PRO A 63 -3.93 -6.62 -8.72
N ALA A 64 -4.28 -7.33 -9.79
CA ALA A 64 -4.90 -8.65 -9.65
C ALA A 64 -3.95 -9.68 -9.04
N ARG A 65 -2.66 -9.35 -8.91
CA ARG A 65 -1.69 -10.26 -8.32
C ARG A 65 -2.03 -10.61 -6.88
N PHE A 66 -2.85 -9.81 -6.20
CA PHE A 66 -3.24 -10.06 -4.84
C PHE A 66 -4.62 -10.72 -4.80
N SER A 67 -4.75 -11.73 -3.95
CA SER A 67 -6.00 -12.47 -3.83
C SER A 67 -6.26 -12.78 -2.36
N GLY A 68 -7.54 -12.83 -2.00
CA GLY A 68 -7.92 -13.17 -0.64
C GLY A 68 -8.77 -14.42 -0.57
N SER A 69 -8.48 -15.30 0.39
CA SER A 69 -9.20 -16.55 0.52
C SER A 69 -9.33 -16.90 2.00
N GLY A 70 -9.93 -18.05 2.27
CA GLY A 70 -10.10 -18.54 3.62
C GLY A 70 -11.56 -18.70 3.97
N SER A 71 -11.81 -18.89 5.27
CA SER A 71 -13.17 -19.09 5.75
C SER A 71 -13.24 -18.72 7.23
N GLY A 72 -14.20 -17.86 7.57
CA GLY A 72 -14.58 -17.57 8.93
C GLY A 72 -13.45 -17.31 9.91
N THR A 73 -12.70 -18.35 10.24
CA THR A 73 -11.70 -18.27 11.30
C THR A 73 -10.26 -18.29 10.80
N ASP A 74 -10.00 -18.81 9.60
CA ASP A 74 -8.65 -18.88 9.06
C ASP A 74 -8.65 -18.26 7.67
N LEU A 75 -7.91 -17.17 7.49
CA LEU A 75 -7.90 -16.45 6.23
C LEU A 75 -6.49 -16.41 5.65
N SER A 76 -6.40 -16.12 4.36
CA SER A 76 -5.14 -16.18 3.63
C SER A 76 -5.07 -15.07 2.60
N LEU A 77 -3.90 -14.44 2.51
CA LEU A 77 -3.58 -13.47 1.48
C LEU A 77 -2.50 -14.05 0.57
N ASN A 78 -2.77 -14.07 -0.73
CA ASN A 78 -1.90 -14.69 -1.72
C ASN A 78 -1.44 -13.66 -2.74
N ILE A 79 -0.18 -13.80 -3.16
CA ILE A 79 0.42 -12.97 -4.19
C ILE A 79 0.99 -13.93 -5.23
N HIS A 80 0.39 -13.95 -6.42
CA HIS A 80 0.65 -15.00 -7.39
C HIS A 80 1.95 -14.74 -8.16
N PRO A 81 2.15 -13.54 -8.74
CA PRO A 81 3.50 -13.19 -9.19
C PRO A 81 4.10 -12.09 -8.33
N VAL A 82 4.91 -12.48 -7.34
CA VAL A 82 5.51 -11.50 -6.45
C VAL A 82 6.47 -10.62 -7.23
N GLU A 83 6.22 -9.32 -7.21
CA GLU A 83 7.07 -8.37 -7.90
C GLU A 83 7.95 -7.63 -6.89
N GLU A 84 8.92 -6.88 -7.42
CA GLU A 84 9.96 -6.29 -6.58
C GLU A 84 9.42 -5.21 -5.64
N ASP A 85 8.29 -4.59 -5.98
CA ASP A 85 7.75 -3.52 -5.15
C ASP A 85 6.91 -4.03 -3.98
N ASP A 86 6.74 -5.34 -3.85
CA ASP A 86 5.89 -5.90 -2.80
C ASP A 86 6.54 -5.91 -1.43
N ILE A 87 7.82 -5.55 -1.33
CA ILE A 87 8.51 -5.44 -0.04
C ILE A 87 7.71 -4.52 0.86
N ALA A 88 7.09 -5.09 1.89
CA ALA A 88 6.20 -4.33 2.76
C ALA A 88 5.80 -5.20 3.95
N MET A 89 5.17 -4.56 4.93
CA MET A 89 4.50 -5.25 6.02
C MET A 89 3.05 -5.47 5.65
N TYR A 90 2.49 -6.60 6.09
CA TYR A 90 1.14 -6.98 5.71
C TYR A 90 0.34 -7.28 6.97
N PHE A 91 -0.75 -6.54 7.16
CA PHE A 91 -1.57 -6.63 8.37
C PHE A 91 -2.97 -7.10 8.03
N CYS A 92 -3.51 -8.02 8.85
CA CYS A 92 -4.90 -8.42 8.74
C CYS A 92 -5.72 -7.74 9.83
N GLN A 93 -6.93 -7.31 9.48
CA GLN A 93 -7.78 -6.54 10.39
C GLN A 93 -9.24 -6.97 10.25
N GLN A 94 -9.92 -7.14 11.38
CA GLN A 94 -11.26 -7.69 11.45
C GLN A 94 -12.25 -6.59 11.83
N SER A 95 -13.53 -6.86 11.62
CA SER A 95 -14.54 -5.81 11.62
C SER A 95 -15.94 -6.37 11.79
N ARG A 96 -16.04 -7.52 12.44
CA ARG A 96 -17.31 -8.12 12.80
C ARG A 96 -17.78 -7.69 14.19
N LYS A 97 -16.86 -7.39 15.10
CA LYS A 97 -17.17 -6.94 16.45
C LYS A 97 -16.31 -5.73 16.75
N VAL A 98 -16.94 -4.66 17.24
CA VAL A 98 -16.14 -3.54 17.78
C VAL A 98 -15.58 -3.98 19.13
N PRO A 99 -14.29 -3.75 19.42
CA PRO A 99 -13.30 -3.00 18.65
C PRO A 99 -12.75 -3.73 17.43
N TYR A 100 -12.44 -2.98 16.38
CA TYR A 100 -11.74 -3.55 15.23
C TYR A 100 -10.30 -3.89 15.64
N THR A 101 -9.88 -5.11 15.37
CA THR A 101 -8.58 -5.61 15.80
C THR A 101 -7.68 -5.83 14.59
N PHE A 102 -6.37 -5.73 14.83
CA PHE A 102 -5.35 -5.96 13.81
C PHE A 102 -4.51 -7.19 14.18
N GLY A 103 -3.77 -7.69 13.18
CA GLY A 103 -2.83 -8.75 13.41
C GLY A 103 -1.44 -8.23 13.75
N GLY A 104 -0.54 -9.17 14.00
CA GLY A 104 0.83 -8.80 14.34
C GLY A 104 1.64 -8.28 13.17
N GLY A 105 1.30 -8.69 11.96
CA GLY A 105 2.02 -8.28 10.77
C GLY A 105 2.83 -9.41 10.17
N THR A 106 3.38 -9.13 8.99
CA THR A 106 4.23 -10.09 8.29
C THR A 106 5.14 -9.31 7.34
N LYS A 107 6.42 -9.25 7.66
CA LYS A 107 7.39 -8.59 6.80
C LYS A 107 7.72 -9.48 5.61
N LEU A 108 7.44 -8.98 4.41
CA LEU A 108 7.72 -9.71 3.18
C LEU A 108 8.99 -9.13 2.56
N GLU A 109 10.04 -9.93 2.54
CA GLU A 109 11.30 -9.55 1.89
C GLU A 109 11.56 -10.47 0.71
N ILE A 110 12.38 -9.99 -0.22
CA ILE A 110 12.53 -10.60 -1.52
C ILE A 110 13.91 -11.23 -1.66
N LYS A 111 13.95 -12.44 -2.19
CA LYS A 111 15.19 -13.16 -2.43
C LYS A 111 15.80 -12.75 -3.76
N ARG A 112 17.11 -12.54 -3.78
CA ARG A 112 17.84 -12.22 -4.99
C ARG A 112 19.25 -12.79 -4.88
N ALA A 113 20.01 -12.65 -5.96
CA ALA A 113 21.39 -13.10 -5.94
C ALA A 113 22.23 -12.19 -5.05
N ASP A 114 23.34 -12.74 -4.56
CA ASP A 114 24.22 -12.01 -3.65
C ASP A 114 24.71 -10.72 -4.28
N ALA A 115 24.97 -9.72 -3.44
CA ALA A 115 25.48 -8.43 -3.89
C ALA A 115 26.52 -7.94 -2.90
N ALA A 116 27.67 -7.54 -3.41
CA ALA A 116 28.74 -7.08 -2.53
C ALA A 116 28.48 -5.64 -2.11
N PRO A 117 28.72 -5.31 -0.84
CA PRO A 117 28.47 -3.94 -0.38
C PRO A 117 29.50 -2.98 -0.94
N THR A 118 29.01 -1.84 -1.43
CA THR A 118 29.88 -0.73 -1.80
C THR A 118 30.10 0.10 -0.54
N VAL A 119 31.33 0.10 -0.04
CA VAL A 119 31.70 0.74 1.22
C VAL A 119 32.43 2.04 0.92
N SER A 120 32.09 3.09 1.66
CA SER A 120 32.67 4.40 1.45
C SER A 120 32.82 5.09 2.80
N ILE A 121 34.04 5.56 3.09
CA ILE A 121 34.36 6.23 4.34
C ILE A 121 34.36 7.75 4.15
N PHE A 122 34.03 8.46 5.23
CA PHE A 122 33.90 9.91 5.19
C PHE A 122 34.47 10.51 6.47
N PRO A 123 35.49 11.36 6.37
CA PRO A 123 36.07 11.99 7.56
C PRO A 123 35.10 13.00 8.16
N PRO A 124 35.33 13.42 9.40
CA PRO A 124 34.44 14.42 9.99
C PRO A 124 34.65 15.78 9.34
N SER A 125 33.55 16.51 9.18
CA SER A 125 33.63 17.84 8.62
C SER A 125 34.45 18.75 9.53
N SER A 126 35.17 19.69 8.91
CA SER A 126 36.04 20.59 9.66
C SER A 126 35.27 21.47 10.64
N GLU A 127 33.96 21.60 10.44
CA GLU A 127 33.15 22.46 11.29
C GLU A 127 32.58 21.73 12.51
N GLN A 128 32.42 20.41 12.43
CA GLN A 128 32.11 19.64 13.63
C GLN A 128 33.26 19.71 14.63
N LEU A 129 34.49 19.81 14.12
CA LEU A 129 35.65 19.97 15.00
C LEU A 129 35.54 21.25 15.82
N THR A 130 35.10 22.34 15.20
CA THR A 130 34.92 23.59 15.93
C THR A 130 33.90 23.43 17.06
N SER A 131 32.94 22.52 16.89
CA SER A 131 32.01 22.21 17.96
C SER A 131 32.65 21.37 19.06
N GLY A 132 33.81 20.77 18.79
CA GLY A 132 34.50 19.94 19.75
C GLY A 132 34.38 18.46 19.49
N GLY A 133 33.56 18.05 18.53
CA GLY A 133 33.38 16.65 18.21
C GLY A 133 33.91 16.30 16.82
N ALA A 134 33.89 15.00 16.54
CA ALA A 134 34.37 14.50 15.25
C ALA A 134 33.69 13.16 14.99
N SER A 135 32.91 13.08 13.92
CA SER A 135 32.17 11.88 13.57
C SER A 135 32.62 11.40 12.21
N VAL A 136 33.16 10.18 12.15
CA VAL A 136 33.60 9.55 10.92
C VAL A 136 32.50 8.59 10.46
N VAL A 137 32.02 8.79 9.23
CA VAL A 137 30.89 8.03 8.72
C VAL A 137 31.39 6.95 7.77
N CYS A 138 30.62 5.88 7.64
CA CYS A 138 30.94 4.82 6.69
C CYS A 138 29.64 4.23 6.18
N PHE A 139 29.44 4.29 4.87
CA PHE A 139 28.26 3.73 4.22
C PHE A 139 28.59 2.39 3.58
N LEU A 140 27.68 1.43 3.74
CA LEU A 140 27.80 0.09 3.17
C LEU A 140 26.51 -0.13 2.39
N ASN A 141 26.50 0.24 1.13
CA ASN A 141 25.26 0.28 0.37
C ASN A 141 25.16 -0.91 -0.59
N ASN A 142 23.92 -1.29 -0.88
CA ASN A 142 23.58 -2.33 -1.87
C ASN A 142 24.35 -3.63 -1.61
N PHE A 143 23.97 -4.29 -0.51
CA PHE A 143 24.49 -5.62 -0.21
C PHE A 143 23.34 -6.60 -0.03
N TYR A 144 23.57 -7.86 -0.41
CA TYR A 144 22.63 -8.94 -0.21
C TYR A 144 23.43 -10.21 0.08
N PRO A 145 23.08 -10.98 1.13
CA PRO A 145 21.89 -10.81 1.97
C PRO A 145 22.02 -9.79 3.08
N LYS A 146 21.10 -9.85 4.05
CA LYS A 146 21.06 -8.85 5.11
C LYS A 146 22.28 -8.92 6.01
N ASP A 147 22.84 -10.12 6.21
CA ASP A 147 23.90 -10.31 7.19
C ASP A 147 25.15 -9.55 6.79
N ILE A 148 25.64 -8.70 7.71
CA ILE A 148 26.81 -7.88 7.46
C ILE A 148 27.41 -7.52 8.81
N ASN A 149 28.74 -7.44 8.85
CA ASN A 149 29.44 -7.09 10.08
C ASN A 149 30.42 -5.95 9.79
N VAL A 150 30.64 -5.10 10.79
CA VAL A 150 31.46 -3.90 10.62
C VAL A 150 32.48 -3.81 11.75
N LYS A 151 33.74 -3.58 11.38
CA LYS A 151 34.82 -3.34 12.33
C LYS A 151 35.44 -1.98 12.05
N TRP A 152 35.62 -1.18 13.10
CA TRP A 152 36.31 0.09 12.98
C TRP A 152 37.72 -0.05 13.51
N LYS A 153 38.70 0.37 12.72
CA LYS A 153 40.09 0.36 13.12
C LYS A 153 40.65 1.78 13.06
N ILE A 154 41.61 2.04 13.94
CA ILE A 154 42.25 3.34 14.05
C ILE A 154 43.72 3.10 14.39
N ASN A 155 44.62 3.55 13.51
CA ASN A 155 46.05 3.29 13.64
C ASN A 155 46.34 1.80 13.83
N GLY A 156 45.49 0.96 13.25
CA GLY A 156 45.63 -0.48 13.32
C GLY A 156 44.85 -1.15 14.42
N SER A 157 44.52 -0.42 15.49
CA SER A 157 43.85 -1.00 16.64
C SER A 157 42.33 -0.96 16.45
N GLN A 158 41.66 -2.02 16.88
CA GLN A 158 40.20 -2.04 16.79
C GLN A 158 39.59 -1.13 17.85
N ARG A 159 38.55 -0.40 17.45
CA ARG A 159 37.77 0.43 18.37
C ARG A 159 36.32 0.00 18.32
N GLN A 160 35.67 -0.03 19.49
CA GLN A 160 34.32 -0.56 19.59
C GLN A 160 33.43 0.27 20.51
N ASN A 161 33.85 1.46 20.93
CA ASN A 161 33.09 2.23 21.91
C ASN A 161 32.12 3.21 21.24
N GLY A 162 32.65 4.16 20.47
CA GLY A 162 31.81 5.18 19.87
C GLY A 162 31.26 4.83 18.51
N VAL A 163 30.77 3.61 18.35
CA VAL A 163 30.29 3.10 17.06
C VAL A 163 28.78 2.91 17.14
N LEU A 164 28.07 3.52 16.19
CA LEU A 164 26.62 3.40 16.10
C LEU A 164 26.24 2.95 14.69
N ASN A 165 25.31 2.00 14.60
CA ASN A 165 24.93 1.39 13.33
C ASN A 165 23.45 1.56 13.07
N SER A 166 23.11 1.80 11.80
CA SER A 166 21.73 1.95 11.38
C SER A 166 21.51 1.16 10.09
N TRP A 167 20.41 0.42 10.03
CA TRP A 167 20.09 -0.42 8.89
C TRP A 167 18.80 0.03 8.22
N THR A 168 18.70 -0.24 6.93
CA THR A 168 17.52 0.10 6.13
C THR A 168 16.74 -1.17 5.81
N ASP A 169 15.43 -1.00 5.57
CA ASP A 169 14.64 -2.10 5.04
C ASP A 169 15.01 -2.36 3.58
N GLN A 170 14.59 -3.52 3.08
CA GLN A 170 14.93 -3.90 1.73
C GLN A 170 14.39 -2.89 0.73
N ASP A 171 15.23 -2.53 -0.25
CA ASP A 171 14.88 -1.50 -1.20
C ASP A 171 13.97 -2.04 -2.30
N SER A 172 13.01 -1.21 -2.72
CA SER A 172 12.06 -1.63 -3.74
C SER A 172 12.69 -1.69 -5.14
N LYS A 173 13.87 -1.09 -5.32
CA LYS A 173 14.54 -1.04 -6.61
C LYS A 173 15.63 -2.09 -6.73
N ASP A 174 16.44 -2.28 -5.70
CA ASP A 174 17.54 -3.23 -5.73
C ASP A 174 17.22 -4.57 -5.08
N SER A 175 16.23 -4.60 -4.19
CA SER A 175 16.01 -5.72 -3.28
C SER A 175 17.22 -5.96 -2.38
N THR A 176 18.07 -4.97 -2.22
CA THR A 176 19.27 -5.06 -1.41
C THR A 176 19.06 -4.34 -0.08
N TYR A 177 20.15 -4.17 0.67
CA TYR A 177 20.13 -3.50 1.96
C TYR A 177 21.34 -2.60 2.06
N SER A 178 21.18 -1.48 2.75
CA SER A 178 22.27 -0.56 3.04
C SER A 178 22.42 -0.41 4.55
N MET A 179 23.54 0.16 4.96
CA MET A 179 23.84 0.32 6.37
C MET A 179 24.78 1.51 6.57
N SER A 180 24.58 2.24 7.66
CA SER A 180 25.47 3.34 8.01
C SER A 180 26.11 3.05 9.36
N SER A 181 27.38 3.42 9.48
CA SER A 181 28.13 3.27 10.73
C SER A 181 28.83 4.59 11.03
N THR A 182 28.63 5.09 12.25
CA THR A 182 29.20 6.36 12.67
C THR A 182 30.11 6.12 13.86
N LEU A 183 31.38 6.49 13.72
CA LEU A 183 32.34 6.48 14.82
C LEU A 183 32.46 7.93 15.31
N THR A 184 31.82 8.22 16.44
CA THR A 184 31.83 9.56 17.00
C THR A 184 32.93 9.66 18.05
N LEU A 185 33.59 10.82 18.11
CA LEU A 185 34.74 10.98 18.97
C LEU A 185 35.02 12.47 19.15
N THR A 186 35.79 12.79 20.18
CA THR A 186 36.16 14.18 20.44
C THR A 186 37.20 14.66 19.44
N LYS A 187 37.13 15.96 19.12
CA LYS A 187 38.15 16.57 18.27
C LYS A 187 39.55 16.34 18.85
N ASP A 188 39.68 16.40 20.17
CA ASP A 188 40.97 16.17 20.81
C ASP A 188 41.39 14.71 20.68
N GLU A 189 40.45 13.78 20.88
CA GLU A 189 40.73 12.36 20.70
C GLU A 189 40.93 11.97 19.24
N TYR A 190 40.55 12.84 18.31
CA TYR A 190 40.65 12.56 16.88
C TYR A 190 42.00 12.99 16.30
N GLU A 191 42.54 14.10 16.78
CA GLU A 191 43.83 14.58 16.30
C GLU A 191 45.02 13.80 16.87
N ARG A 192 44.77 12.89 17.82
CA ARG A 192 45.83 12.09 18.41
C ARG A 192 46.08 10.79 17.66
N HIS A 193 45.59 10.68 16.43
CA HIS A 193 45.86 9.53 15.58
C HIS A 193 45.91 10.01 14.13
N ASN A 194 46.10 9.06 13.21
CA ASN A 194 46.23 9.41 11.80
C ASN A 194 45.25 8.63 10.92
N SER A 195 45.42 7.31 10.88
CA SER A 195 44.65 6.48 9.97
C SER A 195 43.36 5.99 10.61
N TYR A 196 42.28 6.04 9.84
CA TYR A 196 40.99 5.48 10.23
C TYR A 196 40.52 4.54 9.13
N THR A 197 39.82 3.48 9.55
CA THR A 197 39.55 2.35 8.66
C THR A 197 38.19 1.74 8.98
N CYS A 198 37.39 1.54 7.93
CA CYS A 198 36.10 0.88 8.00
C CYS A 198 36.20 -0.44 7.27
N GLN A 199 35.96 -1.55 7.99
CA GLN A 199 36.07 -2.89 7.44
C GLN A 199 34.70 -3.56 7.45
N ALA A 200 34.27 -4.05 6.30
CA ALA A 200 33.02 -4.76 6.15
C ALA A 200 33.27 -6.25 5.94
N THR A 201 32.44 -7.07 6.57
CA THR A 201 32.51 -8.52 6.43
C THR A 201 31.15 -9.01 5.94
N HIS A 202 31.14 -9.68 4.80
CA HIS A 202 29.91 -10.09 4.12
C HIS A 202 30.13 -11.43 3.45
N LYS A 203 29.02 -12.05 3.04
CA LYS A 203 29.07 -13.36 2.41
C LYS A 203 29.88 -13.34 1.12
N THR A 204 29.88 -12.21 0.42
CA THR A 204 30.41 -12.16 -0.95
C THR A 204 31.92 -12.10 -1.02
N SER A 205 32.60 -11.73 0.07
CA SER A 205 34.05 -11.57 0.06
C SER A 205 34.65 -12.35 1.23
N THR A 206 35.54 -13.28 0.91
CA THR A 206 36.23 -14.02 1.98
C THR A 206 37.13 -13.09 2.79
N SER A 207 37.57 -11.99 2.20
CA SER A 207 38.42 -11.02 2.88
C SER A 207 37.61 -9.76 3.20
N PRO A 208 37.91 -9.09 4.31
CA PRO A 208 37.16 -7.88 4.66
C PRO A 208 37.34 -6.78 3.63
N ILE A 209 36.22 -6.21 3.19
CA ILE A 209 36.21 -5.10 2.25
C ILE A 209 36.51 -3.82 3.02
N VAL A 210 37.60 -3.14 2.68
CA VAL A 210 38.16 -2.10 3.52
C VAL A 210 38.13 -0.77 2.78
N LYS A 211 37.69 0.27 3.47
CA LYS A 211 37.93 1.65 3.09
C LYS A 211 38.70 2.32 4.22
N SER A 212 39.47 3.35 3.88
CA SER A 212 40.32 3.97 4.90
C SER A 212 40.77 5.36 4.44
N PHE A 213 41.29 6.12 5.39
CA PHE A 213 41.93 7.40 5.08
C PHE A 213 42.93 7.73 6.17
N ASN A 214 43.83 8.66 5.84
CA ASN A 214 44.78 9.20 6.80
C ASN A 214 44.54 10.71 6.93
N ARG A 215 44.84 11.24 8.11
CA ARG A 215 44.59 12.65 8.38
C ARG A 215 45.66 13.54 7.74
N ASN A 216 45.96 13.28 6.47
CA ASN A 216 46.94 14.06 5.72
C ASN A 216 46.85 13.74 4.23
N GLN B 1 -7.02 14.27 -6.60
CA GLN B 1 -7.21 12.88 -6.20
C GLN B 1 -7.57 12.78 -4.72
N VAL B 2 -7.95 11.58 -4.29
CA VAL B 2 -8.25 11.36 -2.87
C VAL B 2 -6.98 11.58 -2.07
N GLN B 3 -7.00 12.56 -1.17
CA GLN B 3 -5.84 12.90 -0.36
C GLN B 3 -6.27 13.08 1.09
N LEU B 4 -5.45 12.57 2.01
CA LEU B 4 -5.65 12.74 3.45
C LEU B 4 -4.38 13.39 3.99
N GLN B 5 -4.40 14.71 4.10
CA GLN B 5 -3.24 15.48 4.57
C GLN B 5 -3.35 15.63 6.08
N GLN B 6 -2.51 14.91 6.82
CA GLN B 6 -2.45 15.07 8.27
C GLN B 6 -1.40 16.11 8.63
N SER B 7 -1.62 16.76 9.78
CA SER B 7 -0.61 17.66 10.32
C SER B 7 0.37 16.86 11.14
N GLY B 8 0.93 17.46 12.18
CA GLY B 8 1.65 16.68 13.16
C GLY B 8 3.14 16.90 13.24
N ALA B 9 3.86 15.83 13.58
CA ALA B 9 5.24 15.93 14.04
C ALA B 9 5.33 16.96 15.17
N GLU B 10 4.73 16.57 16.30
CA GLU B 10 4.47 17.49 17.40
C GLU B 10 5.05 16.97 18.71
N LEU B 11 5.76 17.86 19.41
CA LEU B 11 6.24 17.59 20.76
C LEU B 11 5.21 18.09 21.76
N VAL B 12 4.78 17.21 22.66
CA VAL B 12 3.75 17.53 23.63
C VAL B 12 4.27 17.19 25.03
N LYS B 13 4.21 18.17 25.94
CA LYS B 13 4.70 17.95 27.29
C LYS B 13 3.84 16.91 28.00
N PRO B 14 4.44 16.10 28.88
CA PRO B 14 3.70 15.00 29.51
C PRO B 14 2.52 15.52 30.33
N GLY B 15 1.36 14.92 30.09
CA GLY B 15 0.15 15.29 30.80
C GLY B 15 -0.72 16.32 30.12
N ALA B 16 -0.22 16.99 29.08
CA ALA B 16 -1.00 17.99 28.37
C ALA B 16 -1.92 17.29 27.37
N SER B 17 -2.63 18.07 26.56
CA SER B 17 -3.50 17.56 25.52
C SER B 17 -3.03 18.06 24.16
N VAL B 18 -3.46 17.37 23.11
CA VAL B 18 -3.08 17.72 21.75
C VAL B 18 -4.27 17.47 20.83
N LYS B 19 -4.33 18.22 19.73
CA LYS B 19 -5.39 18.07 18.74
C LYS B 19 -4.74 17.85 17.37
N LEU B 20 -4.94 16.66 16.81
CA LEU B 20 -4.41 16.29 15.51
C LEU B 20 -5.47 16.50 14.44
N SER B 21 -5.10 17.19 13.37
CA SER B 21 -5.98 17.50 12.26
C SER B 21 -5.66 16.61 11.06
N CYS B 22 -6.67 16.39 10.23
CA CYS B 22 -6.52 15.57 9.02
C CYS B 22 -7.51 16.10 7.99
N LYS B 23 -7.01 16.82 6.99
CA LYS B 23 -7.83 17.42 5.97
C LYS B 23 -8.03 16.47 4.80
N ALA B 24 -9.26 16.33 4.34
CA ALA B 24 -9.62 15.42 3.26
C ALA B 24 -9.83 16.21 1.97
N SER B 25 -9.44 15.57 0.86
CA SER B 25 -9.59 16.18 -0.46
C SER B 25 -9.87 15.08 -1.47
N GLY B 26 -10.47 15.49 -2.60
CA GLY B 26 -10.70 14.58 -3.70
C GLY B 26 -11.93 13.70 -3.58
N PHE B 27 -12.66 13.78 -2.48
CA PHE B 27 -13.87 12.99 -2.33
C PHE B 27 -14.85 13.76 -1.45
N THR B 28 -16.11 13.34 -1.50
CA THR B 28 -17.12 14.00 -0.69
C THR B 28 -16.93 13.60 0.76
N PHE B 29 -16.79 14.60 1.63
CA PHE B 29 -16.44 14.35 3.02
C PHE B 29 -17.51 13.54 3.75
N THR B 30 -18.77 13.70 3.37
CA THR B 30 -19.87 13.13 4.13
C THR B 30 -20.21 11.69 3.77
N ARG B 31 -19.77 11.21 2.61
CA ARG B 31 -20.15 9.87 2.17
C ARG B 31 -19.26 8.78 2.74
N TYR B 32 -18.14 9.12 3.38
CA TYR B 32 -17.16 8.14 3.79
C TYR B 32 -16.87 8.28 5.28
N SER B 33 -17.11 7.22 6.03
CA SER B 33 -16.76 7.20 7.45
C SER B 33 -15.25 7.27 7.59
N ILE B 34 -14.79 7.89 8.68
CA ILE B 34 -13.37 8.13 8.90
C ILE B 34 -12.92 7.40 10.16
N TYR B 35 -11.79 6.71 10.08
CA TYR B 35 -11.27 5.93 11.18
C TYR B 35 -9.92 6.49 11.63
N TRP B 36 -9.63 6.36 12.92
CA TRP B 36 -8.34 6.77 13.48
C TRP B 36 -7.63 5.56 14.07
N MET B 37 -6.34 5.44 13.76
CA MET B 37 -5.54 4.27 14.09
C MET B 37 -4.28 4.69 14.83
N LYS B 38 -3.80 3.82 15.72
CA LYS B 38 -2.59 4.06 16.50
C LYS B 38 -1.56 2.99 16.17
N GLN B 39 -0.32 3.40 15.93
CA GLN B 39 0.76 2.46 15.69
C GLN B 39 2.00 2.93 16.44
N ARG B 40 2.50 2.07 17.32
CA ARG B 40 3.75 2.31 18.03
C ARG B 40 4.81 1.34 17.51
N PRO B 41 5.96 1.83 17.08
CA PRO B 41 7.04 0.92 16.68
C PRO B 41 7.33 -0.12 17.74
N GLY B 42 7.16 -1.39 17.39
CA GLY B 42 7.23 -2.46 18.36
C GLY B 42 5.91 -3.19 18.46
N GLN B 43 4.83 -2.42 18.54
CA GLN B 43 3.47 -2.94 18.50
C GLN B 43 2.90 -2.82 17.10
N GLY B 44 1.90 -3.64 16.81
CA GLY B 44 1.21 -3.58 15.54
C GLY B 44 0.23 -2.42 15.51
N LEU B 45 -0.59 -2.41 14.46
CA LEU B 45 -1.68 -1.46 14.38
C LEU B 45 -2.70 -1.76 15.47
N GLU B 46 -3.35 -0.71 15.98
CA GLU B 46 -4.23 -0.86 17.11
C GLU B 46 -5.46 0.01 16.95
N TRP B 47 -6.64 -0.62 17.07
CA TRP B 47 -7.91 0.05 17.29
C TRP B 47 -8.38 0.91 16.13
N ILE B 48 -9.67 0.82 15.80
CA ILE B 48 -10.29 1.67 14.79
C ILE B 48 -11.53 2.32 15.42
N GLY B 49 -11.36 3.57 15.85
CA GLY B 49 -12.48 4.38 16.27
C GLY B 49 -12.91 5.28 15.12
N GLU B 50 -14.21 5.27 14.84
CA GLU B 50 -14.75 5.89 13.65
C GLU B 50 -15.63 7.07 14.00
N ILE B 51 -15.63 8.06 13.12
CA ILE B 51 -16.62 9.13 13.11
C ILE B 51 -17.36 9.05 11.78
N ASN B 52 -18.68 9.14 11.85
CA ASN B 52 -19.53 9.28 10.68
C ASN B 52 -19.72 10.77 10.44
N PRO B 53 -19.13 11.34 9.37
CA PRO B 53 -19.25 12.79 9.15
C PRO B 53 -20.68 13.29 9.06
N SER B 54 -21.41 13.13 10.17
CA SER B 54 -22.81 13.46 10.35
C SER B 54 -23.21 12.98 11.74
N THR B 55 -22.71 13.67 12.77
CA THR B 55 -22.95 13.41 14.18
C THR B 55 -22.19 12.18 14.68
N GLY B 56 -22.82 11.01 14.64
CA GLY B 56 -22.37 9.78 15.28
C GLY B 56 -20.89 9.44 15.30
N ASP B 57 -20.45 8.82 16.39
CA ASP B 57 -19.10 8.29 16.48
C ASP B 57 -19.08 7.11 17.45
N THR B 58 -18.01 6.31 17.36
CA THR B 58 -17.86 5.12 18.18
C THR B 58 -16.37 4.84 18.41
N ASN B 59 -15.99 4.60 19.67
CA ASN B 59 -14.59 4.38 20.00
C ASN B 59 -14.37 2.98 20.59
N PHE B 60 -13.24 2.79 21.26
CA PHE B 60 -12.92 1.58 22.00
C PHE B 60 -12.71 1.96 23.46
N ASN B 61 -13.24 1.12 24.36
CA ASN B 61 -13.07 1.34 25.80
C ASN B 61 -11.61 1.60 26.18
N GLU B 62 -10.66 1.02 25.43
CA GLU B 62 -9.26 1.30 25.70
C GLU B 62 -8.89 2.74 25.41
N LYS B 63 -9.58 3.38 24.46
CA LYS B 63 -9.35 4.78 24.14
C LYS B 63 -10.51 5.65 24.57
N PHE B 64 -11.54 5.09 25.20
CA PHE B 64 -12.69 5.86 25.66
C PHE B 64 -12.36 6.62 26.93
N LYS B 65 -11.29 7.42 26.88
CA LYS B 65 -10.85 8.17 28.04
C LYS B 65 -9.86 9.25 27.60
N SER B 66 -9.06 8.93 26.58
CA SER B 66 -8.08 9.87 26.07
C SER B 66 -8.38 10.36 24.66
N LYS B 67 -9.36 9.78 23.98
CA LYS B 67 -9.64 10.09 22.58
C LYS B 67 -10.97 10.79 22.45
N ALA B 68 -10.98 11.93 21.76
CA ALA B 68 -12.21 12.67 21.44
C ALA B 68 -12.16 13.05 19.97
N THR B 69 -13.00 12.40 19.17
CA THR B 69 -13.02 12.62 17.72
C THR B 69 -14.13 13.58 17.35
N LEU B 70 -13.79 14.61 16.56
CA LEU B 70 -14.76 15.56 16.04
C LEU B 70 -14.44 15.81 14.57
N THR B 71 -15.24 16.66 13.94
CA THR B 71 -14.99 17.01 12.55
C THR B 71 -15.68 18.33 12.23
N VAL B 72 -15.18 19.00 11.20
CA VAL B 72 -15.81 20.22 10.70
C VAL B 72 -16.38 19.90 9.31
N ASP B 73 -17.69 19.72 9.26
CA ASP B 73 -18.35 19.48 7.98
C ASP B 73 -18.12 20.63 7.01
N LYS B 74 -17.86 21.82 7.53
CA LYS B 74 -17.80 23.03 6.72
C LYS B 74 -16.57 22.98 5.81
N SER B 75 -16.21 24.15 5.26
CA SER B 75 -15.16 24.24 4.24
C SER B 75 -13.86 23.57 4.67
N SER B 76 -13.68 23.33 5.97
CA SER B 76 -12.49 22.62 6.44
C SER B 76 -12.39 21.24 5.81
N THR B 77 -13.52 20.51 5.75
CA THR B 77 -13.53 19.09 5.44
C THR B 77 -12.39 18.39 6.16
N THR B 78 -12.30 18.64 7.46
CA THR B 78 -11.18 18.22 8.28
C THR B 78 -11.70 17.45 9.49
N ALA B 79 -11.12 16.28 9.72
CA ALA B 79 -11.40 15.47 10.89
C ALA B 79 -10.34 15.73 11.96
N TYR B 80 -10.78 15.87 13.21
CA TYR B 80 -9.89 16.16 14.31
C TYR B 80 -9.99 15.06 15.36
N MET B 81 -8.85 14.75 15.98
CA MET B 81 -8.81 13.88 17.14
C MET B 81 -8.03 14.57 18.24
N GLN B 82 -8.64 14.69 19.42
CA GLN B 82 -7.95 15.24 20.57
C GLN B 82 -7.55 14.13 21.51
N LEU B 83 -6.26 14.09 21.83
CA LEU B 83 -5.71 13.17 22.80
C LEU B 83 -5.45 13.92 24.11
N SER B 84 -5.95 13.37 25.21
CA SER B 84 -5.95 14.02 26.51
C SER B 84 -5.07 13.26 27.48
N SER B 85 -4.36 14.02 28.33
CA SER B 85 -3.46 13.47 29.33
C SER B 85 -2.50 12.47 28.70
N LEU B 86 -1.50 12.98 27.99
CA LEU B 86 -0.61 12.13 27.22
C LEU B 86 0.51 11.60 28.11
N THR B 87 0.55 10.28 28.28
CA THR B 87 1.65 9.60 28.93
C THR B 87 2.61 9.07 27.88
N SER B 88 3.75 8.54 28.35
CA SER B 88 4.76 8.03 27.42
C SER B 88 4.25 6.85 26.60
N GLU B 89 3.16 6.21 27.03
CA GLU B 89 2.52 5.19 26.20
C GLU B 89 1.69 5.79 25.07
N ASP B 90 1.61 7.11 24.98
CA ASP B 90 0.81 7.77 23.97
C ASP B 90 1.64 8.33 22.81
N SER B 91 2.95 8.43 22.95
CA SER B 91 3.81 8.86 21.85
C SER B 91 3.86 7.78 20.79
N ALA B 92 3.46 8.12 19.56
CA ALA B 92 3.29 7.13 18.50
C ALA B 92 2.94 7.79 17.18
N VAL B 93 2.56 7.00 16.18
CA VAL B 93 2.08 7.53 14.91
C VAL B 93 0.59 7.23 14.82
N TYR B 94 -0.19 8.29 14.61
CA TYR B 94 -1.63 8.18 14.47
C TYR B 94 -2.03 8.46 13.03
N TYR B 95 -2.89 7.62 12.48
CA TYR B 95 -3.32 7.70 11.10
C TYR B 95 -4.83 7.97 11.04
N CYS B 96 -5.24 8.82 10.10
CA CYS B 96 -6.63 8.90 9.69
C CYS B 96 -6.80 8.15 8.38
N THR B 97 -7.86 7.35 8.28
CA THR B 97 -8.06 6.52 7.10
C THR B 97 -9.52 6.53 6.69
N ARG B 98 -9.74 6.13 5.44
CA ARG B 98 -11.02 6.23 4.75
C ARG B 98 -11.63 4.86 4.48
N SER B 99 -11.12 3.81 5.12
CA SER B 99 -11.57 2.43 4.97
C SER B 99 -11.26 1.86 3.59
N THR B 100 -10.76 2.70 2.69
CA THR B 100 -10.39 2.25 1.34
C THR B 100 -9.29 3.15 0.82
N GLY B 101 -8.25 2.55 0.27
CA GLY B 101 -7.14 3.30 -0.28
C GLY B 101 -6.05 3.57 0.75
N TYR B 102 -5.20 4.54 0.42
CA TYR B 102 -4.09 4.89 1.27
C TYR B 102 -4.56 5.65 2.50
N TRP B 103 -3.86 5.44 3.61
CA TRP B 103 -4.12 6.19 4.82
C TRP B 103 -3.43 7.56 4.74
N GLY B 104 -3.72 8.40 5.73
CA GLY B 104 -3.01 9.66 5.84
C GLY B 104 -1.52 9.43 6.11
N GLN B 105 -0.75 10.49 5.92
CA GLN B 105 0.70 10.40 6.10
C GLN B 105 1.09 9.98 7.52
N GLY B 106 0.21 10.20 8.49
CA GLY B 106 0.50 9.84 9.87
C GLY B 106 1.16 10.95 10.65
N THR B 107 0.62 11.25 11.81
CA THR B 107 1.18 12.25 12.71
C THR B 107 1.99 11.53 13.79
N LEU B 108 3.25 11.91 13.93
CA LEU B 108 4.11 11.36 14.98
C LEU B 108 4.06 12.30 16.17
N VAL B 109 3.52 11.83 17.28
CA VAL B 109 3.50 12.59 18.52
C VAL B 109 4.55 12.03 19.46
N THR B 110 5.28 12.94 20.11
CA THR B 110 6.37 12.60 21.02
C THR B 110 6.10 13.32 22.34
N VAL B 111 5.81 12.55 23.39
CA VAL B 111 5.47 13.12 24.69
C VAL B 111 6.73 13.08 25.56
N SER B 112 7.37 14.23 25.70
CA SER B 112 8.61 14.35 26.46
C SER B 112 8.71 15.75 27.04
N ALA B 113 9.38 15.85 28.17
CA ALA B 113 9.65 17.14 28.78
C ALA B 113 10.86 17.84 28.18
N ALA B 114 11.50 17.24 27.17
CA ALA B 114 12.72 17.79 26.62
C ALA B 114 12.43 19.00 25.75
N LYS B 115 13.41 19.90 25.66
CA LYS B 115 13.30 21.08 24.82
C LYS B 115 13.64 20.73 23.37
N THR B 116 12.91 21.34 22.44
CA THR B 116 13.13 21.11 21.01
C THR B 116 14.53 21.54 20.60
N THR B 117 15.40 20.58 20.30
CA THR B 117 16.71 20.95 19.81
C THR B 117 16.77 20.76 18.30
N PRO B 118 17.20 21.76 17.56
CA PRO B 118 17.25 21.65 16.09
C PRO B 118 18.39 20.76 15.65
N PRO B 119 18.30 20.19 14.45
CA PRO B 119 19.38 19.32 13.98
C PRO B 119 20.62 20.09 13.56
N SER B 120 21.76 19.42 13.68
CA SER B 120 23.03 19.92 13.19
C SER B 120 23.44 19.08 11.99
N VAL B 121 23.52 19.70 10.82
CA VAL B 121 23.82 18.99 9.59
C VAL B 121 25.29 19.15 9.26
N TYR B 122 25.90 18.06 8.82
CA TYR B 122 27.30 18.06 8.43
C TYR B 122 27.45 17.41 7.07
N PRO B 123 28.30 17.98 6.22
CA PRO B 123 28.53 17.38 4.89
C PRO B 123 29.56 16.26 4.97
N LEU B 124 29.31 15.20 4.21
CA LEU B 124 30.21 14.05 4.15
C LEU B 124 30.62 13.89 2.69
N ALA B 125 31.75 14.49 2.35
CA ALA B 125 32.36 14.37 1.04
C ALA B 125 33.76 13.79 1.20
N PRO B 126 34.14 12.85 0.35
CA PRO B 126 35.50 12.29 0.42
C PRO B 126 36.52 13.32 -0.02
N GLY B 127 37.75 13.14 0.46
CA GLY B 127 38.81 14.08 0.13
C GLY B 127 40.18 13.54 0.44
N CYS B 128 41.18 14.10 -0.23
CA CYS B 128 42.59 13.81 -0.01
C CYS B 128 42.88 12.32 -0.25
N GLY B 129 42.89 11.95 -1.51
CA GLY B 129 43.31 10.64 -1.94
C GLY B 129 42.23 9.66 -2.38
N ASP B 130 41.05 10.15 -2.78
CA ASP B 130 39.99 9.27 -3.26
C ASP B 130 40.15 9.02 -4.75
N THR B 131 40.14 7.75 -5.14
CA THR B 131 40.44 7.34 -6.50
C THR B 131 39.22 7.44 -7.42
N THR B 132 38.31 8.36 -7.11
CA THR B 132 37.13 8.64 -7.94
C THR B 132 36.32 7.39 -8.24
N GLY B 133 36.45 6.88 -9.46
CA GLY B 133 35.65 5.76 -9.92
C GLY B 133 34.52 6.21 -10.83
N SER B 134 33.73 5.23 -11.28
CA SER B 134 32.62 5.53 -12.16
C SER B 134 31.55 6.37 -11.46
N SER B 135 31.47 6.31 -10.14
CA SER B 135 30.48 7.07 -9.39
C SER B 135 31.05 7.43 -8.02
N VAL B 136 30.45 8.45 -7.41
CA VAL B 136 30.86 8.95 -6.10
C VAL B 136 29.64 9.00 -5.20
N THR B 137 29.85 8.70 -3.92
CA THR B 137 28.79 8.74 -2.91
C THR B 137 29.06 9.89 -1.96
N LEU B 138 28.07 10.78 -1.82
CA LEU B 138 28.10 11.86 -0.85
C LEU B 138 27.08 11.59 0.25
N GLY B 139 27.19 12.32 1.35
CA GLY B 139 26.27 12.11 2.45
C GLY B 139 26.02 13.38 3.26
N CYS B 140 24.94 13.33 4.02
CA CYS B 140 24.60 14.35 4.98
C CYS B 140 24.33 13.67 6.31
N LEU B 141 24.99 14.14 7.37
CA LEU B 141 24.77 13.63 8.72
C LEU B 141 23.93 14.63 9.51
N VAL B 142 22.78 14.18 9.99
CA VAL B 142 21.83 15.03 10.72
C VAL B 142 21.89 14.58 12.17
N LYS B 143 22.59 15.33 13.01
CA LYS B 143 22.96 14.88 14.35
C LYS B 143 22.45 15.85 15.40
N GLY B 144 21.96 15.31 16.52
CA GLY B 144 21.62 16.11 17.67
C GLY B 144 20.32 16.88 17.56
N TYR B 145 19.22 16.19 17.24
CA TYR B 145 17.93 16.84 17.13
C TYR B 145 16.89 16.09 17.96
N PHE B 146 15.79 16.79 18.24
CA PHE B 146 14.67 16.24 18.99
C PHE B 146 13.46 17.16 18.81
N PRO B 147 12.25 16.60 18.65
CA PRO B 147 11.97 15.17 18.58
C PRO B 147 12.13 14.59 17.18
N GLU B 148 11.89 13.28 17.03
CA GLU B 148 12.03 12.65 15.73
C GLU B 148 11.03 13.23 14.74
N SER B 149 11.44 13.21 13.46
CA SER B 149 10.79 13.75 12.26
C SER B 149 11.79 14.65 11.54
N VAL B 150 12.50 14.09 10.57
CA VAL B 150 13.47 14.84 9.78
C VAL B 150 13.42 14.29 8.36
N THR B 151 13.38 15.18 7.37
CA THR B 151 13.30 14.77 5.98
C THR B 151 14.45 15.38 5.20
N VAL B 152 15.28 14.55 4.60
CA VAL B 152 16.42 14.99 3.80
C VAL B 152 16.07 14.86 2.33
N THR B 153 16.35 15.90 1.55
CA THR B 153 16.06 15.91 0.12
C THR B 153 17.27 16.42 -0.62
N TRP B 154 17.69 15.71 -1.67
CA TRP B 154 18.86 16.06 -2.44
C TRP B 154 18.46 16.77 -3.72
N ASN B 155 19.12 17.91 -4.00
CA ASN B 155 18.91 18.67 -5.24
C ASN B 155 17.42 18.91 -5.52
N SER B 156 16.64 19.11 -4.46
CA SER B 156 15.20 19.34 -4.54
C SER B 156 14.46 18.20 -5.25
N GLY B 157 15.06 17.01 -5.29
CA GLY B 157 14.46 15.87 -5.95
C GLY B 157 15.18 15.41 -7.19
N SER B 158 16.08 16.23 -7.76
CA SER B 158 16.84 15.80 -8.93
C SER B 158 17.64 14.54 -8.64
N LEU B 159 18.06 14.35 -7.39
CA LEU B 159 18.78 13.16 -6.97
C LEU B 159 17.90 12.36 -6.03
N SER B 160 16.87 11.71 -6.60
CA SER B 160 16.01 10.81 -5.85
C SER B 160 16.34 9.35 -6.08
N SER B 161 16.98 9.01 -7.19
CA SER B 161 17.50 7.67 -7.40
C SER B 161 18.85 7.54 -6.72
N SER B 162 19.14 6.32 -6.25
CA SER B 162 20.38 6.01 -5.54
C SER B 162 20.49 6.80 -4.24
N VAL B 163 19.37 6.97 -3.57
CA VAL B 163 19.34 7.66 -2.28
C VAL B 163 19.06 6.63 -1.20
N HIS B 164 19.65 6.87 -0.02
CA HIS B 164 19.47 5.97 1.13
C HIS B 164 19.26 6.84 2.37
N THR B 165 18.15 6.61 3.05
CA THR B 165 17.80 7.32 4.28
C THR B 165 17.94 6.32 5.43
N PHE B 166 18.95 6.51 6.27
CA PHE B 166 19.13 5.53 7.34
C PHE B 166 18.32 5.96 8.56
N PRO B 167 17.59 5.02 9.18
CA PRO B 167 16.76 5.38 10.33
C PRO B 167 17.58 6.01 11.44
N ALA B 168 16.90 6.81 12.26
CA ALA B 168 17.56 7.60 13.28
C ALA B 168 17.88 6.76 14.52
N LEU B 169 18.85 7.23 15.29
CA LEU B 169 19.29 6.56 16.50
C LEU B 169 19.30 7.55 17.66
N LEU B 170 18.80 7.09 18.81
CA LEU B 170 18.73 7.89 20.03
C LEU B 170 19.83 7.43 20.97
N GLN B 171 20.80 8.30 21.25
CA GLN B 171 21.94 7.92 22.07
C GLN B 171 21.97 8.57 23.45
N SER B 172 21.52 9.81 23.58
CA SER B 172 21.46 10.47 24.89
C SER B 172 20.44 11.60 24.82
N GLY B 173 19.19 11.25 24.54
CA GLY B 173 18.13 12.23 24.40
C GLY B 173 18.05 12.90 23.05
N LEU B 174 19.06 12.75 22.20
CA LEU B 174 19.08 13.37 20.89
C LEU B 174 19.08 12.30 19.80
N TYR B 175 18.59 12.67 18.63
CA TYR B 175 18.48 11.77 17.49
C TYR B 175 19.57 12.07 16.47
N THR B 176 20.03 11.02 15.79
CA THR B 176 21.04 11.16 14.75
C THR B 176 20.69 10.23 13.60
N MET B 177 20.69 10.77 12.39
CA MET B 177 20.41 10.00 11.18
C MET B 177 21.40 10.42 10.10
N SER B 178 21.36 9.69 8.98
CA SER B 178 22.25 9.97 7.88
C SER B 178 21.53 9.70 6.56
N SER B 179 22.02 10.34 5.51
CA SER B 179 21.48 10.13 4.16
C SER B 179 22.63 10.09 3.18
N SER B 180 22.59 9.12 2.27
CA SER B 180 23.61 8.96 1.25
C SER B 180 23.00 9.07 -0.13
N VAL B 181 23.80 9.59 -1.08
CA VAL B 181 23.37 9.75 -2.46
C VAL B 181 24.56 9.44 -3.36
N THR B 182 24.33 8.60 -4.37
CA THR B 182 25.38 8.22 -5.31
C THR B 182 25.09 8.85 -6.67
N VAL B 183 26.11 9.44 -7.27
CA VAL B 183 25.96 10.15 -8.54
C VAL B 183 27.17 9.84 -9.42
N PRO B 184 27.02 10.00 -10.73
CA PRO B 184 28.18 9.83 -11.62
C PRO B 184 29.30 10.78 -11.25
N SER B 185 30.53 10.25 -11.23
CA SER B 185 31.68 11.05 -10.83
C SER B 185 31.90 12.23 -11.78
N SER B 186 31.46 12.10 -13.03
CA SER B 186 31.55 13.20 -13.98
C SER B 186 30.68 14.39 -13.60
N THR B 187 29.83 14.26 -12.58
CA THR B 187 28.95 15.34 -12.20
C THR B 187 29.46 16.11 -10.98
N TRP B 188 29.43 15.48 -9.80
CA TRP B 188 29.50 16.22 -8.54
C TRP B 188 30.60 17.28 -8.46
N PRO B 189 31.87 16.97 -8.74
CA PRO B 189 32.89 18.03 -8.66
C PRO B 189 32.60 19.20 -9.59
N SER B 190 31.83 18.99 -10.67
CA SER B 190 31.40 20.07 -11.53
C SER B 190 30.01 20.56 -11.11
N GLN B 191 28.97 19.84 -11.51
CA GLN B 191 27.61 20.17 -11.11
C GLN B 191 27.45 19.94 -9.61
N THR B 192 27.07 20.97 -8.88
CA THR B 192 27.04 20.92 -7.43
C THR B 192 25.89 20.06 -6.92
N VAL B 193 26.04 19.57 -5.70
CA VAL B 193 25.03 18.78 -5.01
C VAL B 193 24.72 19.45 -3.68
N THR B 194 23.44 19.59 -3.37
CA THR B 194 22.99 20.26 -2.15
C THR B 194 22.02 19.35 -1.41
N CYS B 195 22.18 19.29 -0.09
CA CYS B 195 21.32 18.48 0.77
C CYS B 195 20.48 19.41 1.64
N SER B 196 19.16 19.19 1.61
CA SER B 196 18.20 20.05 2.30
C SER B 196 17.50 19.22 3.37
N VAL B 197 17.83 19.48 4.63
CA VAL B 197 17.24 18.78 5.76
C VAL B 197 16.13 19.65 6.33
N ALA B 198 14.99 19.03 6.64
CA ALA B 198 13.82 19.73 7.15
C ALA B 198 13.43 19.13 8.50
N HIS B 199 13.33 19.98 9.52
CA HIS B 199 12.85 19.59 10.83
C HIS B 199 11.54 20.32 11.05
N PRO B 200 10.37 19.65 10.92
CA PRO B 200 9.09 20.35 11.13
C PRO B 200 8.85 20.69 12.59
N ALA B 201 9.29 19.81 13.50
CA ALA B 201 9.06 20.04 14.92
C ALA B 201 9.77 21.28 15.44
N SER B 202 10.77 21.78 14.70
CA SER B 202 11.40 23.06 15.00
C SER B 202 11.11 24.08 13.91
N SER B 203 10.33 23.72 12.89
CA SER B 203 10.04 24.57 11.75
C SER B 203 11.31 25.17 11.16
N THR B 204 12.31 24.32 10.97
CA THR B 204 13.61 24.76 10.46
C THR B 204 13.98 23.94 9.23
N THR B 205 14.81 24.54 8.39
CA THR B 205 15.27 23.90 7.16
C THR B 205 16.69 24.39 6.90
N VAL B 206 17.63 23.45 6.75
CA VAL B 206 19.04 23.78 6.56
C VAL B 206 19.53 23.11 5.29
N ASP B 207 20.26 23.86 4.47
CA ASP B 207 20.80 23.36 3.21
C ASP B 207 22.32 23.44 3.25
N LYS B 208 22.97 22.34 2.88
CA LYS B 208 24.42 22.25 2.89
C LYS B 208 24.94 21.85 1.52
N LYS B 209 26.02 22.49 1.09
CA LYS B 209 26.67 22.19 -0.18
C LYS B 209 27.92 21.37 0.07
N LEU B 210 28.03 20.25 -0.62
CA LEU B 210 29.14 19.32 -0.40
C LEU B 210 30.30 19.68 -1.31
N GLU B 211 31.47 19.89 -0.72
CA GLU B 211 32.65 20.35 -1.43
C GLU B 211 33.86 19.51 -1.02
N PRO B 212 34.77 19.22 -1.96
CA PRO B 212 35.97 18.39 -1.71
C PRO B 212 36.97 19.04 -0.75
N PRO C 6 -37.26 -10.56 -37.70
CA PRO C 6 -36.04 -10.52 -36.90
C PRO C 6 -35.33 -9.18 -37.04
N PHE C 7 -34.24 -8.99 -36.28
CA PHE C 7 -33.48 -7.76 -36.32
C PHE C 7 -32.04 -8.06 -35.92
N GLY C 8 -31.12 -7.26 -36.43
CA GLY C 8 -29.71 -7.45 -36.16
C GLY C 8 -29.08 -6.31 -35.37
N GLU C 9 -29.87 -5.29 -35.05
CA GLU C 9 -29.37 -4.15 -34.30
C GLU C 9 -29.07 -4.48 -32.85
N VAL C 10 -29.34 -5.72 -32.41
CA VAL C 10 -28.96 -6.13 -31.05
C VAL C 10 -27.48 -6.49 -30.99
N PHE C 11 -27.08 -7.46 -31.82
CA PHE C 11 -25.68 -7.86 -31.84
C PHE C 11 -24.81 -6.77 -32.43
N ASN C 12 -25.28 -6.09 -33.47
CA ASN C 12 -24.50 -5.04 -34.11
C ASN C 12 -24.80 -3.68 -33.47
N ALA C 13 -25.09 -3.69 -32.17
CA ALA C 13 -25.36 -2.44 -31.46
C ALA C 13 -24.06 -1.74 -31.09
N THR C 14 -24.08 -0.41 -31.17
CA THR C 14 -22.87 0.36 -30.87
C THR C 14 -22.62 0.47 -29.36
N ARG C 15 -23.67 0.45 -28.55
CA ARG C 15 -23.54 0.50 -27.10
C ARG C 15 -24.25 -0.70 -26.51
N PHE C 16 -23.54 -1.50 -25.72
CA PHE C 16 -24.12 -2.62 -25.01
C PHE C 16 -24.45 -2.21 -23.58
N ALA C 17 -25.23 -3.05 -22.91
CA ALA C 17 -25.70 -2.75 -21.56
C ALA C 17 -24.62 -3.07 -20.52
N SER C 18 -24.99 -2.91 -19.25
CA SER C 18 -24.21 -3.37 -18.10
C SER C 18 -24.84 -4.62 -17.52
N VAL C 19 -24.02 -5.43 -16.87
CA VAL C 19 -24.50 -6.73 -16.37
C VAL C 19 -25.68 -6.53 -15.42
N TYR C 20 -25.48 -5.73 -14.36
CA TYR C 20 -26.53 -5.54 -13.37
C TYR C 20 -27.76 -4.87 -13.95
N ALA C 21 -27.61 -4.19 -15.09
CA ALA C 21 -28.75 -3.59 -15.79
C ALA C 21 -28.85 -4.18 -17.20
N TRP C 22 -29.10 -5.48 -17.29
CA TRP C 22 -29.09 -6.17 -18.58
C TRP C 22 -30.27 -5.72 -19.44
N ASN C 23 -30.00 -5.47 -20.72
CA ASN C 23 -30.98 -4.86 -21.62
C ASN C 23 -31.71 -5.95 -22.39
N ARG C 24 -33.03 -5.98 -22.26
CA ARG C 24 -33.86 -6.98 -22.91
C ARG C 24 -34.55 -6.38 -24.13
N LYS C 25 -34.67 -7.19 -25.19
CA LYS C 25 -35.36 -6.81 -26.41
C LYS C 25 -36.29 -7.93 -26.84
N ARG C 26 -37.44 -7.56 -27.41
CA ARG C 26 -38.50 -8.46 -27.81
C ARG C 26 -38.59 -8.53 -29.33
N ILE C 27 -39.21 -9.60 -29.81
CA ILE C 27 -39.42 -9.79 -31.25
C ILE C 27 -40.65 -10.66 -31.44
N SER C 28 -41.70 -10.11 -32.06
CA SER C 28 -42.91 -10.87 -32.30
C SER C 28 -43.63 -10.31 -33.52
N ASN C 29 -44.61 -11.10 -34.00
CA ASN C 29 -45.33 -10.82 -35.23
C ASN C 29 -44.35 -10.67 -36.41
N CYS C 30 -43.24 -11.38 -36.34
CA CYS C 30 -42.21 -11.35 -37.37
C CYS C 30 -41.65 -12.75 -37.56
N VAL C 31 -40.73 -12.87 -38.51
CA VAL C 31 -40.09 -14.14 -38.83
C VAL C 31 -38.63 -14.08 -38.38
N ALA C 32 -38.16 -15.16 -37.77
CA ALA C 32 -36.80 -15.26 -37.29
C ALA C 32 -36.13 -16.48 -37.89
N ASP C 33 -34.95 -16.27 -38.48
CA ASP C 33 -34.16 -17.34 -39.08
C ASP C 33 -32.94 -17.58 -38.19
N TYR C 34 -33.03 -18.56 -37.31
CA TYR C 34 -31.97 -18.85 -36.35
C TYR C 34 -30.77 -19.57 -36.98
N SER C 35 -30.80 -19.82 -38.29
CA SER C 35 -29.70 -20.50 -38.97
C SER C 35 -28.66 -19.51 -39.48
N VAL C 36 -29.09 -18.55 -40.30
CA VAL C 36 -28.17 -17.54 -40.83
C VAL C 36 -27.64 -16.61 -39.76
N LEU C 37 -28.24 -16.63 -38.56
CA LEU C 37 -27.63 -15.96 -37.41
C LEU C 37 -26.22 -16.49 -37.17
N TYR C 38 -26.03 -17.81 -37.32
CA TYR C 38 -24.71 -18.42 -37.24
C TYR C 38 -24.01 -18.33 -38.59
N ASN C 39 -23.80 -17.10 -39.03
CA ASN C 39 -23.07 -16.82 -40.27
C ASN C 39 -22.30 -15.51 -40.11
N SER C 40 -23.00 -14.47 -39.65
CA SER C 40 -22.35 -13.25 -39.15
C SER C 40 -21.91 -13.54 -37.72
N ALA C 41 -20.91 -14.43 -37.61
CA ALA C 41 -20.67 -15.12 -36.36
C ALA C 41 -19.21 -14.94 -35.94
N SER C 42 -18.36 -15.94 -36.13
CA SER C 42 -17.10 -16.08 -35.37
C SER C 42 -17.38 -16.05 -33.87
N PHE C 43 -18.54 -16.57 -33.48
CA PHE C 43 -18.95 -16.55 -32.07
C PHE C 43 -18.11 -17.51 -31.25
N SER C 44 -17.55 -17.01 -30.16
CA SER C 44 -16.75 -17.85 -29.26
C SER C 44 -17.61 -18.72 -28.35
N THR C 45 -18.92 -18.52 -28.34
CA THR C 45 -19.81 -19.31 -27.49
C THR C 45 -21.19 -19.37 -28.13
N PHE C 46 -21.79 -20.55 -28.08
CA PHE C 46 -23.17 -20.78 -28.50
C PHE C 46 -23.70 -21.93 -27.65
N LYS C 47 -23.66 -21.75 -26.33
CA LYS C 47 -24.14 -22.77 -25.41
C LYS C 47 -25.66 -22.85 -25.47
N CYS C 48 -26.18 -24.07 -25.51
CA CYS C 48 -27.56 -24.26 -25.94
C CYS C 48 -28.19 -25.43 -25.19
N TYR C 49 -29.36 -25.18 -24.62
CA TYR C 49 -29.99 -26.11 -23.69
C TYR C 49 -31.45 -26.29 -24.09
N GLY C 50 -31.84 -27.52 -24.40
CA GLY C 50 -33.21 -27.82 -24.72
C GLY C 50 -33.41 -28.41 -26.10
N VAL C 51 -33.11 -27.62 -27.14
CA VAL C 51 -33.29 -28.05 -28.52
C VAL C 51 -32.24 -27.36 -29.38
N SER C 52 -31.84 -28.04 -30.45
CA SER C 52 -30.82 -27.49 -31.33
C SER C 52 -31.42 -26.36 -32.19
N PRO C 53 -30.66 -25.29 -32.44
CA PRO C 53 -31.19 -24.20 -33.27
C PRO C 53 -31.59 -24.63 -34.67
N THR C 54 -30.95 -25.68 -35.21
CA THR C 54 -31.37 -26.20 -36.49
C THR C 54 -32.76 -26.84 -36.43
N LYS C 55 -33.18 -27.30 -35.25
CA LYS C 55 -34.52 -27.84 -35.07
C LYS C 55 -35.51 -26.79 -34.59
N LEU C 56 -35.07 -25.85 -33.76
CA LEU C 56 -35.94 -24.78 -33.28
C LEU C 56 -36.27 -23.76 -34.36
N ASN C 57 -35.71 -23.91 -35.56
CA ASN C 57 -36.00 -23.05 -36.69
C ASN C 57 -37.40 -23.28 -37.24
N ASP C 58 -38.27 -24.04 -36.56
CA ASP C 58 -39.57 -24.42 -37.10
C ASP C 58 -40.71 -24.28 -36.05
N LEU C 59 -40.86 -23.10 -35.38
CA LEU C 59 -41.93 -22.70 -34.42
C LEU C 59 -41.50 -21.42 -33.65
N CYS C 60 -42.45 -20.73 -32.93
CA CYS C 60 -42.12 -19.43 -32.29
C CYS C 60 -43.21 -18.55 -31.62
N PHE C 61 -43.39 -18.64 -30.27
CA PHE C 61 -44.33 -17.77 -29.55
C PHE C 61 -43.85 -16.31 -29.44
N THR C 62 -44.02 -15.72 -28.25
CA THR C 62 -43.39 -14.46 -27.86
C THR C 62 -42.17 -14.74 -27.02
N ASN C 63 -41.78 -16.01 -27.07
CA ASN C 63 -40.58 -16.51 -26.41
C ASN C 63 -39.31 -15.83 -26.92
N VAL C 64 -39.38 -15.14 -28.06
CA VAL C 64 -38.20 -14.52 -28.66
C VAL C 64 -37.74 -13.35 -27.79
N TYR C 65 -36.73 -13.59 -26.96
CA TYR C 65 -36.16 -12.58 -26.08
C TYR C 65 -34.65 -12.52 -26.30
N ALA C 66 -34.09 -11.32 -26.23
CA ALA C 66 -32.65 -11.12 -26.41
C ALA C 66 -32.13 -10.27 -25.25
N ASP C 67 -31.28 -10.85 -24.41
CA ASP C 67 -30.68 -10.14 -23.30
C ASP C 67 -29.23 -9.80 -23.63
N SER C 68 -28.91 -8.52 -23.69
CA SER C 68 -27.58 -8.04 -24.04
C SER C 68 -26.96 -7.32 -22.85
N PHE C 69 -25.66 -7.53 -22.68
CA PHE C 69 -24.83 -6.90 -21.65
C PHE C 69 -23.39 -7.28 -21.95
N VAL C 70 -22.47 -6.83 -21.11
CA VAL C 70 -21.04 -7.06 -21.28
C VAL C 70 -20.45 -7.52 -19.96
N ILE C 71 -19.89 -8.73 -19.95
CA ILE C 71 -19.35 -9.31 -18.73
C ILE C 71 -17.83 -9.44 -18.80
N ARG C 72 -17.27 -10.18 -17.88
CA ARG C 72 -15.85 -10.49 -17.81
C ARG C 72 -15.59 -11.83 -18.47
N GLY C 73 -14.43 -11.97 -19.08
CA GLY C 73 -14.06 -13.22 -19.73
C GLY C 73 -14.26 -14.43 -18.83
N ASP C 74 -13.53 -14.44 -17.71
CA ASP C 74 -13.65 -15.53 -16.74
C ASP C 74 -15.08 -15.77 -16.29
N GLU C 75 -15.99 -14.82 -16.52
CA GLU C 75 -17.35 -14.90 -16.04
C GLU C 75 -18.35 -15.36 -17.10
N VAL C 76 -17.92 -15.54 -18.35
CA VAL C 76 -18.87 -15.95 -19.39
C VAL C 76 -19.48 -17.31 -19.05
N ARG C 77 -18.71 -18.19 -18.40
CA ARG C 77 -19.19 -19.48 -17.96
C ARG C 77 -20.28 -19.39 -16.91
N GLN C 78 -20.54 -18.20 -16.38
CA GLN C 78 -21.56 -18.03 -15.35
C GLN C 78 -22.96 -17.87 -15.93
N ILE C 79 -23.07 -17.38 -17.17
CA ILE C 79 -24.36 -17.27 -17.84
C ILE C 79 -24.75 -18.66 -18.31
N ALA C 80 -25.13 -19.52 -17.37
CA ALA C 80 -25.52 -20.90 -17.66
C ALA C 80 -26.41 -21.38 -16.54
N PRO C 81 -27.39 -22.24 -16.82
CA PRO C 81 -28.32 -22.69 -15.78
C PRO C 81 -27.59 -23.43 -14.66
N GLY C 82 -27.98 -23.13 -13.43
CA GLY C 82 -27.42 -23.80 -12.27
C GLY C 82 -26.12 -23.25 -11.74
N GLN C 83 -25.45 -22.37 -12.49
CA GLN C 83 -24.18 -21.82 -12.04
C GLN C 83 -24.39 -20.81 -10.92
N THR C 84 -23.38 -20.67 -10.08
CA THR C 84 -23.35 -19.68 -9.01
C THR C 84 -22.24 -18.69 -9.28
N GLY C 85 -22.07 -17.73 -8.36
CA GLY C 85 -21.03 -16.74 -8.48
C GLY C 85 -21.59 -15.35 -8.31
N LYS C 86 -20.86 -14.37 -8.85
CA LYS C 86 -21.26 -12.98 -8.65
C LYS C 86 -22.37 -12.59 -9.61
N ILE C 87 -22.20 -12.88 -10.90
CA ILE C 87 -23.19 -12.50 -11.89
C ILE C 87 -24.45 -13.33 -11.74
N ALA C 88 -24.31 -14.64 -11.54
CA ALA C 88 -25.47 -15.51 -11.44
C ALA C 88 -26.34 -15.16 -10.23
N ASP C 89 -25.71 -14.91 -9.08
CA ASP C 89 -26.47 -14.64 -7.87
C ASP C 89 -26.90 -13.17 -7.78
N TYR C 90 -26.14 -12.26 -8.39
CA TYR C 90 -26.31 -10.84 -8.15
C TYR C 90 -26.64 -10.01 -9.39
N ASN C 91 -26.55 -10.57 -10.59
CA ASN C 91 -26.73 -9.76 -11.79
C ASN C 91 -27.77 -10.34 -12.75
N TYR C 92 -27.53 -11.57 -13.24
CA TYR C 92 -28.43 -12.18 -14.22
C TYR C 92 -28.47 -13.67 -13.93
N LYS C 93 -29.62 -14.16 -13.49
CA LYS C 93 -29.81 -15.56 -13.13
C LYS C 93 -30.71 -16.24 -14.16
N LEU C 94 -30.17 -17.24 -14.85
CA LEU C 94 -31.01 -18.08 -15.70
C LEU C 94 -31.81 -19.06 -14.84
N PRO C 95 -33.01 -19.42 -15.28
CA PRO C 95 -33.76 -20.45 -14.55
C PRO C 95 -33.15 -21.82 -14.72
N ASP C 96 -33.74 -22.83 -14.09
CA ASP C 96 -33.36 -24.20 -14.39
C ASP C 96 -34.13 -24.78 -15.57
N ASP C 97 -35.28 -24.18 -15.91
CA ASP C 97 -36.05 -24.55 -17.08
C ASP C 97 -35.55 -23.87 -18.36
N PHE C 98 -34.31 -23.37 -18.35
CA PHE C 98 -33.79 -22.55 -19.44
C PHE C 98 -33.76 -23.32 -20.75
N THR C 99 -34.63 -22.93 -21.67
CA THR C 99 -34.68 -23.51 -23.02
C THR C 99 -34.36 -22.38 -24.00
N GLY C 100 -33.12 -22.35 -24.48
CA GLY C 100 -32.70 -21.32 -25.41
C GLY C 100 -31.23 -21.43 -25.75
N CYS C 101 -30.60 -20.32 -26.11
CA CYS C 101 -29.17 -20.31 -26.39
C CYS C 101 -28.57 -19.01 -25.90
N VAL C 102 -27.26 -19.06 -25.63
CA VAL C 102 -26.50 -17.92 -25.15
C VAL C 102 -25.27 -17.78 -26.04
N ILE C 103 -25.13 -16.64 -26.69
CA ILE C 103 -24.08 -16.40 -27.67
C ILE C 103 -23.11 -15.37 -27.10
N ALA C 104 -21.81 -15.59 -27.31
CA ALA C 104 -20.78 -14.72 -26.76
C ALA C 104 -19.63 -14.57 -27.75
N TRP C 105 -18.87 -13.49 -27.56
CA TRP C 105 -17.71 -13.19 -28.39
C TRP C 105 -16.85 -12.16 -27.68
N ASN C 106 -15.56 -12.18 -27.99
CA ASN C 106 -14.65 -11.18 -27.43
C ASN C 106 -14.90 -9.82 -28.07
N SER C 107 -14.60 -8.77 -27.31
CA SER C 107 -14.78 -7.40 -27.80
C SER C 107 -13.80 -6.47 -27.10
N ASN C 108 -12.54 -6.90 -26.97
CA ASN C 108 -11.55 -6.08 -26.29
C ASN C 108 -11.18 -4.84 -27.10
N ASN C 109 -11.30 -4.90 -28.42
CA ASN C 109 -10.97 -3.74 -29.24
C ASN C 109 -12.06 -2.67 -29.20
N LEU C 110 -13.21 -2.95 -28.58
CA LEU C 110 -14.29 -1.99 -28.46
C LEU C 110 -14.48 -1.48 -27.04
N ASP C 111 -14.51 -2.39 -26.06
CA ASP C 111 -14.85 -2.05 -24.68
C ASP C 111 -13.63 -2.04 -23.77
N SER C 112 -12.51 -1.50 -24.24
CA SER C 112 -11.30 -1.42 -23.45
C SER C 112 -10.62 -0.09 -23.70
N LYS C 113 -9.89 0.39 -22.70
CA LYS C 113 -9.26 1.70 -22.74
C LYS C 113 -7.91 1.66 -22.03
N VAL C 114 -6.97 2.46 -22.51
CA VAL C 114 -5.76 2.74 -21.75
C VAL C 114 -6.15 3.56 -20.54
N GLY C 115 -5.97 3.00 -19.35
CA GLY C 115 -6.49 3.60 -18.14
C GLY C 115 -7.84 3.05 -17.71
N GLY C 116 -8.29 1.95 -18.29
CA GLY C 116 -9.53 1.32 -17.87
C GLY C 116 -10.78 1.93 -18.46
N ASN C 117 -11.81 1.11 -18.66
CA ASN C 117 -13.11 1.56 -19.15
C ASN C 117 -14.11 1.40 -18.02
N TYR C 118 -14.59 2.52 -17.48
CA TYR C 118 -15.43 2.51 -16.30
C TYR C 118 -16.91 2.55 -16.63
N ASN C 119 -17.28 2.36 -17.90
CA ASN C 119 -18.69 2.44 -18.27
C ASN C 119 -19.45 1.18 -17.85
N TYR C 120 -18.86 0.01 -18.01
CA TYR C 120 -19.53 -1.25 -17.69
C TYR C 120 -19.33 -1.57 -16.21
N LEU C 121 -20.42 -1.90 -15.52
CA LEU C 121 -20.41 -2.17 -14.09
C LEU C 121 -21.05 -3.52 -13.81
N TYR C 122 -20.90 -3.98 -12.57
CA TYR C 122 -21.49 -5.24 -12.14
C TYR C 122 -21.79 -5.18 -10.65
N ARG C 123 -22.87 -5.85 -10.24
CA ARG C 123 -23.24 -5.90 -8.84
C ARG C 123 -22.36 -6.88 -8.11
N LEU C 124 -21.85 -6.46 -6.94
CA LEU C 124 -20.91 -7.26 -6.19
C LEU C 124 -21.45 -7.77 -4.86
N PHE C 125 -22.52 -7.18 -4.34
CA PHE C 125 -23.13 -7.62 -3.10
C PHE C 125 -24.64 -7.56 -3.23
N ARG C 126 -25.33 -8.43 -2.49
CA ARG C 126 -26.78 -8.46 -2.51
C ARG C 126 -27.28 -9.26 -1.33
N LYS C 127 -28.38 -8.81 -0.72
CA LYS C 127 -28.89 -9.47 0.48
C LYS C 127 -29.37 -10.88 0.21
N SER C 128 -29.88 -11.14 -1.00
CA SER C 128 -30.29 -12.48 -1.38
C SER C 128 -30.00 -12.68 -2.86
N ASN C 129 -29.86 -13.94 -3.25
CA ASN C 129 -29.61 -14.27 -4.64
C ASN C 129 -30.77 -13.79 -5.51
N LEU C 130 -30.47 -13.56 -6.78
CA LEU C 130 -31.47 -13.09 -7.73
C LEU C 130 -32.38 -14.23 -8.16
N LYS C 131 -33.68 -14.00 -8.09
CA LYS C 131 -34.61 -14.96 -8.69
C LYS C 131 -34.41 -14.96 -10.19
N PRO C 132 -34.67 -16.08 -10.86
CA PRO C 132 -34.37 -16.17 -12.30
C PRO C 132 -35.08 -15.09 -13.10
N PHE C 133 -34.37 -14.56 -14.09
CA PHE C 133 -34.89 -13.51 -14.97
C PHE C 133 -35.34 -12.29 -14.17
N GLU C 134 -34.39 -11.69 -13.45
CA GLU C 134 -34.68 -10.53 -12.62
C GLU C 134 -33.61 -9.47 -12.82
N ARG C 135 -34.03 -8.21 -12.72
CA ARG C 135 -33.18 -7.06 -12.98
C ARG C 135 -33.21 -6.15 -11.76
N ASP C 136 -32.06 -6.00 -11.10
CA ASP C 136 -31.97 -5.21 -9.88
C ASP C 136 -31.01 -4.04 -10.13
N ILE C 137 -31.56 -2.83 -10.13
CA ILE C 137 -30.76 -1.62 -10.32
C ILE C 137 -30.64 -0.82 -9.02
N SER C 138 -30.82 -1.48 -7.89
CA SER C 138 -30.66 -0.80 -6.60
C SER C 138 -29.21 -0.35 -6.43
N THR C 139 -29.02 0.82 -5.83
CA THR C 139 -27.70 1.40 -5.61
C THR C 139 -27.49 1.75 -4.15
N GLU C 140 -28.15 1.05 -3.25
CA GLU C 140 -28.05 1.35 -1.83
C GLU C 140 -26.82 0.70 -1.22
N ILE C 141 -26.25 1.39 -0.23
CA ILE C 141 -25.06 0.92 0.48
C ILE C 141 -25.37 -0.41 1.15
N TYR C 142 -24.71 -1.48 0.69
CA TYR C 142 -25.00 -2.83 1.16
C TYR C 142 -24.50 -3.01 2.59
N GLN C 143 -25.42 -3.27 3.51
CA GLN C 143 -25.07 -3.51 4.91
C GLN C 143 -24.45 -4.90 5.03
N ALA C 144 -23.17 -4.95 5.41
CA ALA C 144 -22.47 -6.23 5.53
C ALA C 144 -22.49 -6.77 6.96
N GLY C 145 -22.55 -5.90 7.96
CA GLY C 145 -22.56 -6.34 9.34
C GLY C 145 -23.69 -5.73 10.15
N SER C 146 -23.66 -5.94 11.47
CA SER C 146 -24.70 -5.39 12.36
C SER C 146 -24.47 -3.89 12.51
N THR C 147 -24.87 -3.13 11.49
CA THR C 147 -24.71 -1.68 11.44
C THR C 147 -25.55 -1.11 10.30
N PRO C 148 -26.42 -0.13 10.56
CA PRO C 148 -27.35 0.31 9.53
C PRO C 148 -26.74 1.21 8.47
N CYS C 149 -25.42 1.40 8.53
CA CYS C 149 -24.68 2.19 7.53
C CYS C 149 -25.14 3.64 7.51
N ASN C 150 -26.41 3.88 7.20
CA ASN C 150 -27.00 5.21 7.17
C ASN C 150 -26.34 6.07 6.10
N GLY C 151 -26.35 5.55 4.86
CA GLY C 151 -25.88 6.31 3.71
C GLY C 151 -24.42 6.71 3.77
N VAL C 152 -23.58 5.92 4.41
CA VAL C 152 -22.16 6.24 4.56
C VAL C 152 -21.36 4.94 4.43
N GLU C 153 -20.26 5.02 3.67
CA GLU C 153 -19.42 3.86 3.41
C GLU C 153 -18.28 3.79 4.41
N GLY C 154 -17.78 2.57 4.62
CA GLY C 154 -16.67 2.34 5.52
C GLY C 154 -16.24 0.89 5.55
N PHE C 155 -15.75 0.43 6.70
CA PHE C 155 -15.56 -1.00 6.90
C PHE C 155 -16.93 -1.64 7.06
N ASN C 156 -17.22 -2.64 6.22
CA ASN C 156 -18.59 -3.07 5.94
C ASN C 156 -19.32 -1.89 5.32
N CYS C 157 -20.59 -2.07 4.96
CA CYS C 157 -21.32 -1.01 4.27
C CYS C 157 -20.60 -0.59 3.00
N TYR C 158 -20.71 -1.39 1.95
CA TYR C 158 -19.99 -1.15 0.71
C TYR C 158 -20.93 -0.66 -0.38
N PHE C 159 -20.38 0.09 -1.32
CA PHE C 159 -21.12 0.43 -2.53
C PHE C 159 -21.29 -0.83 -3.37
N PRO C 160 -22.51 -1.20 -3.77
CA PRO C 160 -22.73 -2.54 -4.34
C PRO C 160 -22.28 -2.70 -5.78
N LEU C 161 -22.08 -1.62 -6.53
CA LEU C 161 -21.77 -1.72 -7.95
C LEU C 161 -20.30 -1.38 -8.17
N GLN C 162 -19.55 -2.33 -8.71
CA GLN C 162 -18.14 -2.16 -8.99
C GLN C 162 -17.93 -2.03 -10.50
N SER C 163 -16.89 -1.30 -10.87
CA SER C 163 -16.54 -1.10 -12.27
C SER C 163 -15.53 -2.14 -12.73
N TYR C 164 -15.64 -2.52 -14.00
CA TYR C 164 -14.72 -3.52 -14.54
C TYR C 164 -13.34 -2.95 -14.82
N GLY C 165 -13.25 -1.67 -15.18
CA GLY C 165 -11.97 -1.05 -15.45
C GLY C 165 -11.18 -1.72 -16.54
N PHE C 166 -11.85 -2.09 -17.64
CA PHE C 166 -11.23 -2.84 -18.73
C PHE C 166 -10.02 -2.15 -19.32
N GLN C 167 -8.84 -2.72 -19.13
CA GLN C 167 -7.62 -2.31 -19.82
C GLN C 167 -7.26 -3.36 -20.86
N PRO C 168 -6.53 -2.97 -21.91
CA PRO C 168 -6.15 -3.95 -22.94
C PRO C 168 -5.01 -4.84 -22.48
N THR C 169 -4.16 -4.32 -21.60
CA THR C 169 -3.03 -5.09 -21.09
C THR C 169 -3.46 -6.28 -20.26
N ASN C 170 -4.70 -6.28 -19.76
CA ASN C 170 -5.20 -7.39 -18.96
C ASN C 170 -5.30 -8.65 -19.79
N GLY C 171 -5.35 -9.79 -19.10
CA GLY C 171 -5.46 -11.07 -19.75
C GLY C 171 -6.82 -11.29 -20.39
N VAL C 172 -6.93 -12.42 -21.09
CA VAL C 172 -8.17 -12.74 -21.81
C VAL C 172 -9.32 -12.95 -20.83
N GLY C 173 -9.04 -13.52 -19.65
CA GLY C 173 -10.08 -13.63 -18.64
C GLY C 173 -10.51 -12.27 -18.13
N TYR C 174 -9.57 -11.35 -17.97
CA TYR C 174 -9.84 -9.98 -17.58
C TYR C 174 -10.26 -9.10 -18.75
N GLN C 175 -10.71 -9.70 -19.86
CA GLN C 175 -11.09 -9.00 -21.08
C GLN C 175 -12.60 -8.90 -21.20
N PRO C 176 -13.10 -7.93 -21.98
CA PRO C 176 -14.55 -7.79 -22.15
C PRO C 176 -15.18 -8.90 -22.97
N TYR C 177 -16.50 -8.84 -23.13
CA TYR C 177 -17.25 -9.81 -23.94
C TYR C 177 -18.61 -9.18 -24.24
N ARG C 178 -19.58 -10.03 -24.60
CA ARG C 178 -20.95 -9.61 -24.87
C ARG C 178 -21.81 -10.85 -25.01
N VAL C 179 -22.98 -10.84 -24.38
CA VAL C 179 -23.81 -12.03 -24.28
C VAL C 179 -25.17 -11.82 -24.95
N VAL C 180 -25.86 -12.94 -25.17
CA VAL C 180 -27.21 -12.93 -25.71
C VAL C 180 -28.10 -13.88 -24.89
N VAL C 181 -29.34 -14.07 -25.33
CA VAL C 181 -30.26 -14.97 -24.64
C VAL C 181 -31.27 -15.52 -25.65
N LEU C 182 -32.33 -16.14 -25.14
CA LEU C 182 -33.38 -16.68 -25.98
C LEU C 182 -34.65 -16.93 -25.17
#